data_4BWV
#
_entry.id   4BWV
#
_cell.length_a   55.990
_cell.length_b   82.420
_cell.length_c   127.480
_cell.angle_alpha   90.00
_cell.angle_beta   90.00
_cell.angle_gamma   90.00
#
_symmetry.space_group_name_H-M   'P 21 21 21'
#
loop_
_entity.id
_entity.type
_entity.pdbx_description
1 polymer 'PHOSPHOADENOSINE-PHOSPHOSULPHATE REDUCTASE'
2 non-polymer DI(HYDROXYETHYL)ETHER
3 water water
#
_entity_poly.entity_id   1
_entity_poly.type   'polypeptide(L)'
_entity_poly.pdbx_seq_one_letter_code
;MGSSHHHHHHSSGLVPRGSHMASAVPVTTSGSSIDIKKCNEQARDARLQHLEAQALETLQKTVENFEKPAFPCALIAGDV
VILDLLHRIGAFSDNKVKIIFIDTFHLFPETYKFLSEVEERYGFKAHVFHAADVNNKEAYDAKFGSDLFITDIEEYDRIC
KVEPFSRALKTLEVDAMINGRRRDHGAERAHLEVFEEGKMVKVQPLAYWEFRDCWDYLTKYSLPYHPLHDQGFPSIGDVQ
STIPVPREKWFEYAGERSGRFQGLTNPDGSAKTECGIHVGGRT
;
_entity_poly.pdbx_strand_id   A,B
#
loop_
_chem_comp.id
_chem_comp.type
_chem_comp.name
_chem_comp.formula
PEG non-polymer DI(HYDROXYETHYL)ETHER 'C4 H10 O3'
#
# COMPACT_ATOMS: atom_id res chain seq x y z
N ILE A 34 -14.32 -2.95 -24.05
CA ILE A 34 -13.32 -2.61 -23.00
C ILE A 34 -12.32 -3.75 -22.79
N ASP A 35 -11.03 -3.45 -22.99
CA ASP A 35 -9.94 -4.39 -22.78
C ASP A 35 -9.46 -4.23 -21.30
N ILE A 36 -9.87 -5.18 -20.45
CA ILE A 36 -9.62 -5.11 -19.00
C ILE A 36 -8.13 -5.09 -18.69
N LYS A 37 -7.38 -5.99 -19.29
CA LYS A 37 -5.93 -6.01 -19.03
C LYS A 37 -5.28 -4.68 -19.39
N LYS A 38 -5.68 -4.10 -20.51
CA LYS A 38 -5.06 -2.88 -20.94
C LYS A 38 -5.42 -1.77 -19.96
N CYS A 39 -6.68 -1.71 -19.52
CA CYS A 39 -7.10 -0.63 -18.60
C CYS A 39 -6.37 -0.73 -17.27
N ASN A 40 -6.21 -1.96 -16.77
CA ASN A 40 -5.39 -2.17 -15.53
C ASN A 40 -3.93 -1.75 -15.70
N GLU A 41 -3.33 -2.09 -16.83
CA GLU A 41 -1.98 -1.66 -17.12
C GLU A 41 -1.85 -0.16 -17.17
N GLN A 42 -2.81 0.51 -17.81
CA GLN A 42 -2.77 2.00 -17.90
C GLN A 42 -2.86 2.66 -16.56
N ALA A 43 -3.68 2.11 -15.68
CA ALA A 43 -3.69 2.60 -14.30
C ALA A 43 -2.38 2.37 -13.54
N ARG A 44 -1.76 1.21 -13.71
CA ARG A 44 -0.48 0.99 -13.06
C ARG A 44 0.64 1.84 -13.69
N ASP A 45 0.54 2.08 -15.00
CA ASP A 45 1.47 3.02 -15.69
C ASP A 45 1.40 4.42 -15.03
N ALA A 46 0.21 4.92 -14.81
CA ALA A 46 0.02 6.25 -14.18
C ALA A 46 0.46 6.21 -12.72
N ARG A 47 0.21 5.08 -12.04
CA ARG A 47 0.73 4.89 -10.69
C ARG A 47 2.26 5.03 -10.64
N LEU A 48 2.97 4.32 -11.49
CA LEU A 48 4.41 4.34 -11.47
C LEU A 48 4.96 5.73 -11.86
N GLN A 49 4.27 6.45 -12.75
CA GLN A 49 4.69 7.83 -13.05
C GLN A 49 4.61 8.71 -11.81
N HIS A 50 3.53 8.56 -11.04
CA HIS A 50 3.39 9.25 -9.76
C HIS A 50 4.51 8.90 -8.78
N LEU A 51 4.77 7.61 -8.61
CA LEU A 51 5.72 7.15 -7.66
C LEU A 51 7.14 7.61 -8.04
N GLU A 52 7.42 7.62 -9.34
CA GLU A 52 8.70 8.15 -9.82
C GLU A 52 8.82 9.65 -9.55
N ALA A 53 7.79 10.40 -9.81
CA ALA A 53 7.83 11.84 -9.57
C ALA A 53 8.06 12.09 -8.06
N GLN A 54 7.37 11.33 -7.22
CA GLN A 54 7.48 11.49 -5.77
C GLN A 54 8.92 11.23 -5.28
N ALA A 55 9.50 10.16 -5.78
CA ALA A 55 10.87 9.80 -5.43
C ALA A 55 11.88 10.83 -5.91
N LEU A 56 11.75 11.23 -7.16
CA LEU A 56 12.63 12.21 -7.77
C LEU A 56 12.55 13.55 -7.04
N GLU A 57 11.34 14.03 -6.71
CA GLU A 57 11.15 15.29 -6.03
C GLU A 57 11.79 15.23 -4.65
N THR A 58 11.62 14.08 -3.98
CA THR A 58 12.18 13.88 -2.65
C THR A 58 13.74 13.93 -2.69
N LEU A 59 14.32 13.29 -3.69
CA LEU A 59 15.74 13.30 -3.85
C LEU A 59 16.30 14.66 -4.24
N GLN A 60 15.58 15.39 -5.10
CA GLN A 60 16.00 16.72 -5.47
C GLN A 60 15.96 17.70 -4.26
N LYS A 61 14.92 17.61 -3.43
CA LYS A 61 14.83 18.41 -2.22
C LYS A 61 15.96 18.10 -1.29
N THR A 62 16.35 16.81 -1.23
CA THR A 62 17.46 16.39 -0.36
C THR A 62 18.78 17.01 -0.79
N VAL A 63 19.09 16.89 -2.09
CA VAL A 63 20.35 17.49 -2.58
C VAL A 63 20.39 18.99 -2.44
N GLU A 64 19.26 19.66 -2.61
CA GLU A 64 19.23 21.09 -2.41
C GLU A 64 19.39 21.57 -0.97
N ASN A 65 18.92 20.80 0.00
CA ASN A 65 18.78 21.29 1.35
C ASN A 65 19.81 20.77 2.37
N PHE A 66 20.63 19.80 1.97
CA PHE A 66 21.63 19.19 2.84
C PHE A 66 22.99 19.26 2.16
N GLU A 67 24.04 19.35 2.98
CA GLU A 67 25.40 19.50 2.52
C GLU A 67 26.09 18.16 2.27
N LYS A 68 25.76 17.14 3.05
CA LYS A 68 26.48 15.86 3.03
C LYS A 68 25.54 14.65 3.00
N PRO A 69 24.69 14.60 1.99
CA PRO A 69 23.85 13.43 1.91
C PRO A 69 24.56 12.16 1.50
N ALA A 70 24.08 11.04 1.97
CA ALA A 70 24.65 9.73 1.69
C ALA A 70 23.59 8.67 1.66
N PHE A 71 23.88 7.63 0.87
CA PHE A 71 23.02 6.47 0.71
C PHE A 71 23.78 5.15 0.96
N PRO A 72 23.44 4.45 2.07
CA PRO A 72 23.96 3.11 2.35
C PRO A 72 23.26 2.11 1.47
N CYS A 73 24.02 1.41 0.66
CA CYS A 73 23.46 0.65 -0.45
C CYS A 73 23.88 -0.81 -0.31
N ALA A 74 22.93 -1.73 -0.31
CA ALA A 74 23.22 -3.14 -0.19
C ALA A 74 22.97 -3.88 -1.51
N LEU A 75 22.55 -3.14 -2.52
CA LEU A 75 22.35 -3.60 -3.90
C LEU A 75 21.12 -4.51 -4.13
N ILE A 76 20.19 -4.45 -3.19
CA ILE A 76 18.92 -5.15 -3.35
C ILE A 76 18.05 -4.33 -4.27
N ALA A 77 16.84 -4.81 -4.57
CA ALA A 77 16.10 -4.23 -5.71
C ALA A 77 15.74 -2.72 -5.57
N GLY A 78 15.23 -2.32 -4.41
CA GLY A 78 14.91 -0.93 -4.20
C GLY A 78 16.15 -0.07 -4.13
N ASP A 79 17.27 -0.67 -3.69
CA ASP A 79 18.50 0.07 -3.67
C ASP A 79 19.01 0.41 -5.09
N VAL A 80 18.87 -0.51 -6.01
CA VAL A 80 19.22 -0.31 -7.39
C VAL A 80 18.31 0.73 -8.02
N VAL A 81 17.01 0.74 -7.69
CA VAL A 81 16.12 1.79 -8.10
C VAL A 81 16.64 3.16 -7.61
N ILE A 82 16.97 3.28 -6.32
CA ILE A 82 17.47 4.55 -5.81
C ILE A 82 18.77 4.98 -6.48
N LEU A 83 19.68 4.07 -6.76
CA LEU A 83 20.86 4.44 -7.56
C LEU A 83 20.50 5.09 -8.90
N ASP A 84 19.55 4.48 -9.61
CA ASP A 84 19.15 4.96 -10.90
C ASP A 84 18.47 6.33 -10.82
N LEU A 85 17.66 6.53 -9.78
CA LEU A 85 17.01 7.84 -9.58
C LEU A 85 18.03 8.96 -9.27
N LEU A 86 19.02 8.64 -8.45
CA LEU A 86 20.14 9.57 -8.15
C LEU A 86 20.91 9.93 -9.40
N HIS A 87 21.20 8.92 -10.22
CA HIS A 87 21.85 9.14 -11.52
C HIS A 87 21.05 10.09 -12.38
N ARG A 88 19.73 9.85 -12.46
CA ARG A 88 18.83 10.69 -13.24
C ARG A 88 18.84 12.18 -12.88
N ILE A 89 18.92 12.50 -11.60
CA ILE A 89 18.97 13.90 -11.17
C ILE A 89 20.38 14.46 -11.09
N GLY A 90 21.35 13.68 -11.53
CA GLY A 90 22.75 14.18 -11.61
C GLY A 90 23.48 14.23 -10.29
N ALA A 91 23.10 13.36 -9.35
CA ALA A 91 23.65 13.40 -8.00
C ALA A 91 25.06 12.86 -7.89
N PHE A 92 25.55 12.17 -8.92
CA PHE A 92 26.90 11.60 -8.92
C PHE A 92 27.93 12.49 -9.64
N SER A 93 27.51 13.28 -10.64
CA SER A 93 28.37 14.25 -11.36
C SER A 93 29.43 14.99 -10.54
N ASP A 94 29.04 15.51 -9.36
CA ASP A 94 30.00 16.25 -8.49
C ASP A 94 30.19 15.58 -7.13
N ASN A 95 29.89 14.30 -7.05
CA ASN A 95 29.94 13.54 -5.81
C ASN A 95 29.07 14.16 -4.71
N LYS A 96 27.95 14.77 -5.11
CA LYS A 96 27.04 15.40 -4.15
C LYS A 96 26.57 14.35 -3.13
N VAL A 97 26.12 13.21 -3.64
CA VAL A 97 25.61 12.16 -2.78
C VAL A 97 26.65 11.07 -2.74
N LYS A 98 27.07 10.67 -1.55
CA LYS A 98 28.01 9.58 -1.40
C LYS A 98 27.30 8.23 -1.18
N ILE A 99 27.85 7.17 -1.78
CA ILE A 99 27.34 5.83 -1.55
C ILE A 99 28.21 5.16 -0.50
N ILE A 100 27.54 4.63 0.51
CA ILE A 100 28.15 3.84 1.55
C ILE A 100 27.88 2.35 1.29
N PHE A 101 28.92 1.55 1.39
CA PHE A 101 28.81 0.09 1.23
C PHE A 101 29.46 -0.55 2.45
N ILE A 102 28.71 -1.37 3.17
CA ILE A 102 29.21 -2.10 4.34
C ILE A 102 29.59 -3.52 3.91
N ASP A 103 30.91 -3.80 3.91
CA ASP A 103 31.45 -5.10 3.61
C ASP A 103 31.59 -5.87 4.91
N THR A 104 30.68 -6.79 5.11
CA THR A 104 30.62 -7.60 6.32
C THR A 104 31.67 -8.71 6.28
N PHE A 105 32.34 -8.89 5.14
CA PHE A 105 33.21 -10.04 4.82
C PHE A 105 32.45 -11.36 4.70
N HIS A 106 31.13 -11.33 4.63
CA HIS A 106 30.32 -12.54 4.49
C HIS A 106 29.24 -12.39 3.40
N LEU A 107 29.47 -11.46 2.49
CA LEU A 107 28.52 -11.22 1.38
C LEU A 107 28.77 -12.26 0.29
N PHE A 108 27.81 -12.44 -0.61
CA PHE A 108 28.00 -13.28 -1.79
C PHE A 108 29.03 -12.69 -2.73
N PRO A 109 29.84 -13.54 -3.38
CA PRO A 109 30.75 -13.12 -4.43
C PRO A 109 30.04 -12.26 -5.49
N GLU A 110 28.82 -12.70 -5.85
CA GLU A 110 28.00 -11.97 -6.80
C GLU A 110 27.77 -10.52 -6.36
N THR A 111 27.71 -10.25 -5.06
CA THR A 111 27.40 -8.89 -4.59
C THR A 111 28.57 -7.94 -4.88
N TYR A 112 29.81 -8.41 -4.65
CA TYR A 112 31.02 -7.60 -4.97
C TYR A 112 31.14 -7.33 -6.45
N LYS A 113 30.85 -8.34 -7.28
CA LYS A 113 30.90 -8.17 -8.72
C LYS A 113 29.87 -7.14 -9.15
N PHE A 114 28.64 -7.23 -8.63
CA PHE A 114 27.59 -6.30 -9.01
C PHE A 114 27.91 -4.88 -8.55
N LEU A 115 28.47 -4.71 -7.36
CA LEU A 115 28.89 -3.38 -6.90
C LEU A 115 29.82 -2.74 -7.95
N SER A 116 30.81 -3.49 -8.44
CA SER A 116 31.71 -2.96 -9.48
CA SER A 116 31.73 -2.94 -9.46
C SER A 116 30.96 -2.53 -10.72
N GLU A 117 29.97 -3.30 -11.10
CA GLU A 117 29.23 -2.96 -12.31
C GLU A 117 28.38 -1.68 -12.17
N VAL A 118 27.74 -1.48 -11.02
CA VAL A 118 26.95 -0.26 -10.83
C VAL A 118 27.84 0.94 -10.66
N GLU A 119 28.98 0.77 -9.99
CA GLU A 119 29.97 1.84 -9.89
C GLU A 119 30.37 2.36 -11.27
N GLU A 120 30.69 1.44 -12.17
CA GLU A 120 31.02 1.80 -13.56
C GLU A 120 29.82 2.39 -14.32
N ARG A 121 28.64 1.77 -14.22
CA ARG A 121 27.44 2.25 -14.90
CA ARG A 121 27.45 2.25 -14.91
C ARG A 121 27.08 3.69 -14.50
N TYR A 122 27.12 4.00 -13.23
CA TYR A 122 26.66 5.29 -12.76
C TYR A 122 27.75 6.30 -12.41
N GLY A 123 29.01 5.90 -12.49
CA GLY A 123 30.11 6.80 -12.24
C GLY A 123 30.27 7.25 -10.80
N PHE A 124 30.31 6.32 -9.87
CA PHE A 124 30.69 6.65 -8.52
C PHE A 124 31.55 5.51 -7.98
N LYS A 125 32.25 5.77 -6.88
CA LYS A 125 32.98 4.75 -6.16
C LYS A 125 32.38 4.75 -4.77
N ALA A 126 31.96 3.60 -4.32
CA ALA A 126 31.44 3.45 -2.98
C ALA A 126 32.49 3.64 -1.89
N HIS A 127 32.07 4.26 -0.78
CA HIS A 127 32.90 4.36 0.41
C HIS A 127 32.63 3.12 1.25
N VAL A 128 33.66 2.27 1.37
CA VAL A 128 33.51 0.93 1.95
C VAL A 128 33.99 0.97 3.41
N PHE A 129 33.18 0.42 4.29
CA PHE A 129 33.49 0.27 5.68
C PHE A 129 33.32 -1.20 6.04
N HIS A 130 34.17 -1.66 6.95
CA HIS A 130 34.17 -3.05 7.38
C HIS A 130 34.63 -3.12 8.82
N ALA A 131 34.66 -4.34 9.37
CA ALA A 131 35.10 -4.57 10.71
C ALA A 131 36.37 -3.80 11.02
N ALA A 132 36.40 -3.19 12.19
CA ALA A 132 37.51 -2.32 12.60
C ALA A 132 38.84 -3.08 12.65
N ASP A 133 39.88 -2.49 12.06
CA ASP A 133 41.29 -2.95 12.21
C ASP A 133 41.61 -4.26 11.49
N VAL A 134 40.71 -4.73 10.64
CA VAL A 134 40.88 -5.98 9.95
C VAL A 134 40.69 -5.70 8.48
N ASN A 135 41.69 -6.04 7.66
CA ASN A 135 41.66 -5.66 6.26
C ASN A 135 40.82 -6.54 5.38
N ASN A 136 40.57 -7.78 5.79
CA ASN A 136 39.87 -8.73 4.93
C ASN A 136 39.37 -9.90 5.75
N LYS A 137 38.70 -10.84 5.08
CA LYS A 137 38.10 -12.00 5.75
C LYS A 137 39.14 -12.90 6.47
N GLU A 138 40.33 -13.09 5.86
CA GLU A 138 41.38 -13.92 6.49
C GLU A 138 41.86 -13.24 7.77
N ALA A 139 42.06 -11.93 7.72
CA ALA A 139 42.44 -11.18 8.92
C ALA A 139 41.34 -11.22 9.97
N TYR A 140 40.08 -11.10 9.54
CA TYR A 140 38.90 -11.21 10.41
C TYR A 140 38.85 -12.56 11.12
N ASP A 141 39.05 -13.63 10.34
CA ASP A 141 39.10 -14.99 10.88
C ASP A 141 40.21 -15.13 11.92
N ALA A 142 41.36 -14.50 11.67
CA ALA A 142 42.51 -14.62 12.57
C ALA A 142 42.18 -13.93 13.89
N LYS A 143 41.65 -12.72 13.81
CA LYS A 143 41.33 -11.98 15.02
C LYS A 143 40.11 -12.53 15.79
N PHE A 144 39.02 -12.86 15.10
CA PHE A 144 37.72 -13.14 15.76
C PHE A 144 37.22 -14.57 15.66
N GLY A 145 37.82 -15.40 14.81
CA GLY A 145 37.32 -16.75 14.55
C GLY A 145 36.28 -16.78 13.43
N SER A 146 36.46 -17.72 12.50
CA SER A 146 35.58 -17.81 11.34
C SER A 146 34.14 -18.14 11.71
N ASP A 147 33.95 -18.87 12.82
CA ASP A 147 32.61 -19.30 13.28
C ASP A 147 31.93 -18.34 14.31
N LEU A 148 32.37 -17.09 14.42
CA LEU A 148 31.71 -16.13 15.33
C LEU A 148 30.19 -15.93 15.06
N PHE A 149 29.81 -15.92 13.78
CA PHE A 149 28.40 -15.76 13.43
C PHE A 149 27.49 -16.82 14.05
N ILE A 150 28.00 -18.04 14.25
CA ILE A 150 27.16 -19.03 14.92
C ILE A 150 27.28 -18.97 16.45
N THR A 151 28.50 -18.84 16.98
CA THR A 151 28.69 -18.91 18.44
C THR A 151 28.17 -17.66 19.17
N ASP A 152 28.32 -16.48 18.57
CA ASP A 152 27.72 -15.25 19.15
C ASP A 152 27.33 -14.28 18.06
N ILE A 153 26.10 -14.47 17.59
CA ILE A 153 25.53 -13.64 16.53
C ILE A 153 25.49 -12.15 16.91
N GLU A 154 25.25 -11.81 18.17
CA GLU A 154 25.20 -10.39 18.57
C GLU A 154 26.56 -9.73 18.44
N GLU A 155 27.62 -10.42 18.85
CA GLU A 155 28.98 -9.90 18.65
C GLU A 155 29.33 -9.78 17.17
N TYR A 156 28.97 -10.80 16.38
CA TYR A 156 29.17 -10.78 14.93
C TYR A 156 28.47 -9.56 14.32
N ASP A 157 27.22 -9.34 14.68
CA ASP A 157 26.48 -8.20 14.13
C ASP A 157 27.19 -6.88 14.51
N ARG A 158 27.59 -6.76 15.77
CA ARG A 158 28.26 -5.54 16.24
C ARG A 158 29.51 -5.29 15.41
N ILE A 159 30.35 -6.31 15.31
CA ILE A 159 31.66 -6.16 14.67
C ILE A 159 31.57 -5.98 13.15
N CYS A 160 30.73 -6.75 12.48
CA CYS A 160 30.73 -6.74 11.02
C CYS A 160 29.68 -5.82 10.38
N LYS A 161 28.66 -5.41 11.13
CA LYS A 161 27.52 -4.64 10.57
C LYS A 161 27.27 -3.31 11.29
N VAL A 162 27.09 -3.37 12.60
CA VAL A 162 26.56 -2.21 13.31
C VAL A 162 27.65 -1.17 13.53
N GLU A 163 28.82 -1.58 14.01
CA GLU A 163 29.87 -0.60 14.29
C GLU A 163 30.35 0.05 12.96
N PRO A 164 30.50 -0.72 11.87
CA PRO A 164 31.00 -0.08 10.64
C PRO A 164 30.03 0.91 10.02
N PHE A 165 28.73 0.61 10.11
CA PHE A 165 27.70 1.51 9.65
C PHE A 165 27.69 2.81 10.46
N SER A 166 27.77 2.68 11.79
CA SER A 166 27.79 3.84 12.64
CA SER A 166 27.81 3.83 12.66
C SER A 166 29.04 4.69 12.37
N ARG A 167 30.19 4.03 12.15
CA ARG A 167 31.43 4.72 11.84
C ARG A 167 31.38 5.40 10.47
N ALA A 168 30.70 4.77 9.50
CA ALA A 168 30.54 5.35 8.14
C ALA A 168 29.77 6.70 8.20
N LEU A 169 28.68 6.73 8.95
CA LEU A 169 27.88 7.93 9.09
C LEU A 169 28.67 9.06 9.79
N LYS A 170 29.42 8.72 10.85
CA LYS A 170 30.22 9.71 11.57
C LYS A 170 31.39 10.20 10.69
N THR A 171 32.12 9.28 10.07
CA THR A 171 33.30 9.62 9.26
C THR A 171 32.92 10.56 8.12
N LEU A 172 31.81 10.28 7.45
CA LEU A 172 31.37 11.08 6.30
C LEU A 172 30.46 12.26 6.71
N GLU A 173 30.25 12.45 8.02
CA GLU A 173 29.48 13.59 8.52
C GLU A 173 28.13 13.72 7.85
N VAL A 174 27.39 12.62 7.79
CA VAL A 174 26.20 12.57 7.01
C VAL A 174 25.13 13.37 7.72
N ASP A 175 24.49 14.28 7.00
CA ASP A 175 23.39 15.10 7.56
C ASP A 175 22.03 14.70 7.04
N ALA A 176 22.01 13.87 6.00
CA ALA A 176 20.79 13.25 5.48
C ALA A 176 21.12 11.86 4.95
N MET A 177 20.49 10.84 5.53
CA MET A 177 20.71 9.48 5.14
C MET A 177 19.58 9.01 4.26
N ILE A 178 19.83 8.96 2.95
CA ILE A 178 18.90 8.36 1.98
C ILE A 178 18.89 6.87 2.24
N ASN A 179 17.72 6.23 2.17
CA ASN A 179 17.65 4.80 2.44
C ASN A 179 16.46 4.18 1.73
N GLY A 180 16.48 2.85 1.62
CA GLY A 180 15.46 2.08 0.95
C GLY A 180 14.36 1.53 1.84
N ARG A 181 14.21 2.05 3.05
CA ARG A 181 13.04 1.63 3.85
C ARG A 181 11.76 2.00 3.14
N ARG A 182 10.79 1.08 3.17
CA ARG A 182 9.48 1.36 2.60
C ARG A 182 8.38 0.95 3.55
N ARG A 183 7.22 1.58 3.39
CA ARG A 183 6.09 1.31 4.25
C ARG A 183 5.63 -0.18 4.14
N ASP A 184 5.70 -0.73 2.94
CA ASP A 184 5.32 -2.15 2.72
C ASP A 184 6.36 -3.17 3.29
N HIS A 185 7.38 -2.68 3.97
CA HIS A 185 8.15 -3.53 4.91
C HIS A 185 7.42 -3.84 6.16
N GLY A 186 6.39 -3.07 6.49
CA GLY A 186 5.60 -3.38 7.67
C GLY A 186 6.28 -3.14 8.99
N ALA A 187 5.58 -3.57 10.04
CA ALA A 187 5.94 -3.39 11.45
C ALA A 187 6.38 -1.93 11.71
N GLU A 188 7.60 -1.71 12.21
CA GLU A 188 8.05 -0.37 12.61
C GLU A 188 8.29 0.55 11.44
N ARG A 189 8.26 0.03 10.21
CA ARG A 189 8.36 0.84 9.03
C ARG A 189 7.03 1.22 8.37
N ALA A 190 5.92 0.68 8.87
CA ALA A 190 4.63 0.74 8.24
C ALA A 190 4.16 2.19 8.01
N HIS A 191 4.57 3.14 8.87
CA HIS A 191 4.08 4.52 8.80
C HIS A 191 5.15 5.52 8.45
N LEU A 192 6.25 5.06 7.84
CA LEU A 192 7.24 6.00 7.36
C LEU A 192 6.69 6.94 6.31
N GLU A 193 7.23 8.16 6.29
CA GLU A 193 6.94 9.14 5.26
C GLU A 193 8.22 9.38 4.44
N VAL A 194 8.17 10.31 3.47
CA VAL A 194 9.32 10.47 2.58
C VAL A 194 10.52 11.08 3.34
N PHE A 195 10.25 11.82 4.40
CA PHE A 195 11.28 12.31 5.33
C PHE A 195 10.98 11.87 6.75
N GLU A 196 12.03 11.63 7.52
CA GLU A 196 11.90 11.37 8.98
C GLU A 196 12.82 12.29 9.75
N GLU A 197 12.27 12.95 10.76
CA GLU A 197 13.00 13.93 11.58
C GLU A 197 14.07 13.26 12.40
N GLY A 198 15.14 13.98 12.65
CA GLY A 198 16.16 13.60 13.64
C GLY A 198 17.35 14.53 13.52
N LYS A 199 18.31 14.39 14.42
CA LYS A 199 19.56 15.17 14.34
C LYS A 199 20.18 14.96 12.96
N MET A 200 20.18 13.70 12.53
CA MET A 200 20.44 13.35 11.13
C MET A 200 19.08 12.98 10.51
N VAL A 201 18.66 13.74 9.49
CA VAL A 201 17.45 13.44 8.74
C VAL A 201 17.58 12.13 7.97
N LYS A 202 16.51 11.36 7.93
CA LYS A 202 16.46 10.18 7.11
C LYS A 202 15.45 10.39 6.00
N VAL A 203 15.81 9.96 4.78
CA VAL A 203 15.08 10.20 3.58
C VAL A 203 14.70 8.88 2.93
N GLN A 204 13.41 8.68 2.76
CA GLN A 204 12.84 7.43 2.16
C GLN A 204 12.13 7.77 0.85
N PRO A 205 12.89 7.94 -0.22
CA PRO A 205 12.24 8.25 -1.53
C PRO A 205 11.18 7.22 -1.99
N LEU A 206 11.35 5.96 -1.59
CA LEU A 206 10.48 4.88 -1.97
C LEU A 206 9.51 4.50 -0.87
N ALA A 207 9.26 5.40 0.08
CA ALA A 207 8.31 5.11 1.17
C ALA A 207 7.00 4.46 0.70
N TYR A 208 6.40 5.02 -0.36
CA TYR A 208 5.11 4.57 -0.85
C TYR A 208 5.19 3.55 -1.98
N TRP A 209 6.38 3.13 -2.38
CA TRP A 209 6.50 2.14 -3.42
C TRP A 209 6.32 0.73 -2.80
N GLU A 210 5.52 -0.10 -3.41
CA GLU A 210 5.49 -1.51 -3.06
C GLU A 210 6.66 -2.16 -3.71
N PHE A 211 7.05 -3.30 -3.18
CA PHE A 211 8.10 -4.14 -3.84
C PHE A 211 7.79 -4.33 -5.33
N ARG A 212 6.54 -4.63 -5.64
CA ARG A 212 6.13 -4.80 -7.02
C ARG A 212 6.40 -3.54 -7.90
N ASP A 213 6.19 -2.35 -7.35
CA ASP A 213 6.51 -1.11 -8.03
C ASP A 213 8.02 -0.99 -8.30
N CYS A 214 8.86 -1.39 -7.35
CA CYS A 214 10.30 -1.41 -7.57
C CYS A 214 10.64 -2.28 -8.76
N TRP A 215 10.05 -3.48 -8.83
CA TRP A 215 10.31 -4.37 -9.95
C TRP A 215 9.76 -3.85 -11.27
N ASP A 216 8.58 -3.24 -11.27
CA ASP A 216 8.10 -2.62 -12.51
C ASP A 216 9.05 -1.51 -13.04
N TYR A 217 9.65 -0.77 -12.14
CA TYR A 217 10.66 0.27 -12.53
C TYR A 217 11.87 -0.38 -13.17
N LEU A 218 12.45 -1.38 -12.50
CA LEU A 218 13.61 -2.12 -13.09
C LEU A 218 13.30 -2.69 -14.47
N THR A 219 12.09 -3.23 -14.65
CA THR A 219 11.66 -3.74 -15.93
C THR A 219 11.46 -2.64 -16.98
N LYS A 220 10.79 -1.56 -16.60
CA LYS A 220 10.49 -0.45 -17.48
C LYS A 220 11.77 0.16 -18.06
N TYR A 221 12.81 0.29 -17.23
CA TYR A 221 14.04 0.92 -17.70
C TYR A 221 15.13 -0.11 -18.09
N SER A 222 14.77 -1.39 -18.17
CA SER A 222 15.72 -2.47 -18.48
C SER A 222 17.01 -2.38 -17.67
N LEU A 223 16.89 -2.24 -16.35
CA LEU A 223 18.04 -2.09 -15.48
C LEU A 223 18.56 -3.45 -14.97
N PRO A 224 19.89 -3.65 -14.97
CA PRO A 224 20.43 -4.84 -14.32
C PRO A 224 20.18 -4.81 -12.79
N TYR A 225 19.91 -5.99 -12.25
CA TYR A 225 19.64 -6.20 -10.82
C TYR A 225 20.56 -7.34 -10.31
N HIS A 226 20.57 -7.57 -9.00
CA HIS A 226 21.42 -8.53 -8.36
C HIS A 226 21.03 -9.91 -8.91
N PRO A 227 21.98 -10.61 -9.51
CA PRO A 227 21.68 -11.94 -10.09
C PRO A 227 21.03 -12.97 -9.15
N LEU A 228 21.27 -12.87 -7.86
CA LEU A 228 20.64 -13.82 -6.94
C LEU A 228 19.14 -13.67 -6.84
N HIS A 229 18.57 -12.55 -7.30
CA HIS A 229 17.11 -12.44 -7.38
C HIS A 229 16.58 -13.47 -8.36
N ASP A 230 17.37 -13.85 -9.38
CA ASP A 230 16.95 -14.93 -10.30
C ASP A 230 17.00 -16.35 -9.72
N GLN A 231 17.64 -16.51 -8.57
CA GLN A 231 17.77 -17.79 -7.88
C GLN A 231 16.85 -17.87 -6.67
N GLY A 232 15.83 -17.04 -6.63
CA GLY A 232 14.72 -17.08 -5.66
C GLY A 232 14.86 -16.27 -4.39
N PHE A 233 15.83 -15.37 -4.33
CA PHE A 233 16.05 -14.51 -3.16
C PHE A 233 15.53 -13.10 -3.32
N PRO A 234 14.41 -12.73 -2.63
CA PRO A 234 13.88 -11.37 -2.80
C PRO A 234 14.79 -10.38 -2.16
N SER A 235 15.47 -10.81 -1.10
CA SER A 235 16.41 -9.99 -0.41
C SER A 235 17.73 -10.74 -0.28
N ILE A 236 18.82 -9.98 -0.24
CA ILE A 236 20.16 -10.55 -0.31
C ILE A 236 21.07 -9.83 0.68
N GLY A 237 21.65 -10.61 1.58
CA GLY A 237 22.53 -10.14 2.64
C GLY A 237 23.73 -11.04 2.73
N ASP A 238 23.99 -11.59 3.91
CA ASP A 238 25.17 -12.39 4.13
C ASP A 238 24.84 -13.82 3.70
N VAL A 239 25.81 -14.56 3.19
CA VAL A 239 25.59 -15.97 2.76
C VAL A 239 24.94 -16.83 3.85
N GLN A 240 25.46 -16.77 5.08
CA GLN A 240 24.90 -17.61 6.15
C GLN A 240 23.47 -17.23 6.58
N SER A 241 22.95 -16.06 6.19
CA SER A 241 21.65 -15.66 6.69
C SER A 241 20.66 -15.20 5.61
N THR A 242 20.90 -15.56 4.36
CA THR A 242 20.01 -15.18 3.25
C THR A 242 19.26 -16.44 2.85
N ILE A 243 17.94 -16.42 2.88
CA ILE A 243 17.23 -17.61 2.44
C ILE A 243 16.23 -17.28 1.33
N PRO A 244 15.98 -18.24 0.46
CA PRO A 244 15.11 -17.96 -0.64
C PRO A 244 13.65 -17.91 -0.13
N VAL A 245 12.79 -17.28 -0.90
CA VAL A 245 11.34 -17.17 -0.58
C VAL A 245 10.51 -17.55 -1.82
N PRO A 246 9.46 -18.35 -1.65
CA PRO A 246 8.66 -18.69 -2.82
C PRO A 246 8.18 -17.45 -3.55
N ARG A 247 8.26 -17.46 -4.88
CA ARG A 247 7.97 -16.25 -5.66
C ARG A 247 6.53 -15.71 -5.50
N GLU A 248 5.58 -16.59 -5.23
CA GLU A 248 4.22 -16.17 -4.99
C GLU A 248 4.05 -15.37 -3.70
N LYS A 249 5.06 -15.33 -2.85
CA LYS A 249 4.99 -14.57 -1.61
C LYS A 249 5.66 -13.22 -1.69
N TRP A 250 6.39 -12.93 -2.78
CA TRP A 250 7.22 -11.73 -2.80
C TRP A 250 6.43 -10.46 -2.72
N PHE A 251 5.27 -10.46 -3.37
CA PHE A 251 4.45 -9.25 -3.46
C PHE A 251 3.28 -9.16 -2.44
N GLU A 252 3.33 -9.92 -1.37
CA GLU A 252 2.44 -9.69 -0.26
C GLU A 252 3.04 -8.59 0.60
N TYR A 253 2.21 -7.92 1.37
CA TYR A 253 2.72 -6.93 2.30
C TYR A 253 3.75 -7.60 3.20
N ALA A 254 4.87 -6.92 3.40
CA ALA A 254 6.02 -7.40 4.22
C ALA A 254 6.72 -8.67 3.64
N GLY A 255 6.53 -8.94 2.36
CA GLY A 255 7.07 -10.16 1.73
C GLY A 255 8.54 -10.14 1.39
N GLU A 256 9.08 -9.00 1.06
CA GLU A 256 10.48 -8.88 0.58
C GLU A 256 11.46 -9.45 1.57
N ARG A 257 11.31 -9.10 2.86
CA ARG A 257 12.28 -9.43 3.89
CA ARG A 257 12.28 -9.42 3.90
C ARG A 257 11.81 -10.61 4.74
N SER A 258 10.85 -11.38 4.24
CA SER A 258 10.26 -12.50 4.98
C SER A 258 11.12 -13.70 5.06
N GLY A 259 12.19 -13.74 4.29
CA GLY A 259 13.13 -14.83 4.45
C GLY A 259 13.70 -14.99 5.88
N ARG A 260 14.06 -13.85 6.50
CA ARG A 260 14.96 -13.78 7.67
C ARG A 260 14.40 -14.36 9.01
N ILE B 34 14.73 23.08 6.08
CA ILE B 34 13.70 22.11 5.61
C ILE B 34 12.69 21.78 6.72
N ASP B 35 11.41 22.06 6.45
CA ASP B 35 10.31 21.76 7.38
C ASP B 35 9.78 20.34 7.02
N ILE B 36 10.17 19.36 7.84
CA ILE B 36 9.89 17.93 7.58
C ILE B 36 8.40 17.68 7.50
N LYS B 37 7.64 18.20 8.45
CA LYS B 37 6.18 17.99 8.45
C LYS B 37 5.55 18.54 7.19
N LYS B 38 5.99 19.72 6.77
CA LYS B 38 5.40 20.34 5.60
C LYS B 38 5.73 19.53 4.37
N CYS B 39 6.99 19.09 4.25
CA CYS B 39 7.37 18.25 3.09
C CYS B 39 6.59 16.94 3.01
N ASN B 40 6.39 16.29 4.15
CA ASN B 40 5.60 15.06 4.21
C ASN B 40 4.16 15.27 3.80
N GLU B 41 3.56 16.34 4.30
CA GLU B 41 2.20 16.72 3.95
C GLU B 41 2.08 17.01 2.42
N GLN B 42 3.03 17.72 1.84
CA GLN B 42 3.02 17.98 0.39
C GLN B 42 3.09 16.70 -0.43
N ALA B 43 3.92 15.74 0.00
CA ALA B 43 3.97 14.47 -0.68
C ALA B 43 2.65 13.72 -0.58
N ARG B 44 2.04 13.69 0.60
CA ARG B 44 0.75 13.01 0.71
C ARG B 44 -0.36 13.77 -0.06
N ASP B 45 -0.29 15.11 -0.13
CA ASP B 45 -1.18 15.89 -0.95
C ASP B 45 -1.11 15.44 -2.43
N ALA B 46 0.09 15.32 -2.95
CA ALA B 46 0.28 14.87 -4.34
C ALA B 46 -0.20 13.42 -4.51
N ARG B 47 0.03 12.60 -3.48
CA ARG B 47 -0.47 11.21 -3.48
C ARG B 47 -1.99 11.18 -3.63
N LEU B 48 -2.67 11.96 -2.81
CA LEU B 48 -4.12 11.93 -2.85
C LEU B 48 -4.64 12.48 -4.22
N GLN B 49 -3.96 13.48 -4.81
CA GLN B 49 -4.38 14.00 -6.12
C GLN B 49 -4.26 12.88 -7.18
N HIS B 50 -3.20 12.09 -7.10
CA HIS B 50 -3.03 10.93 -7.98
C HIS B 50 -4.16 9.93 -7.76
N LEU B 51 -4.47 9.61 -6.50
CA LEU B 51 -5.45 8.60 -6.21
C LEU B 51 -6.83 9.00 -6.65
N GLU B 52 -7.13 10.27 -6.46
CA GLU B 52 -8.36 10.86 -6.92
C GLU B 52 -8.49 10.77 -8.44
N ALA B 53 -7.43 11.14 -9.16
CA ALA B 53 -7.48 11.07 -10.64
C ALA B 53 -7.71 9.61 -11.11
N GLN B 54 -7.05 8.66 -10.46
CA GLN B 54 -7.15 7.22 -10.80
C GLN B 54 -8.57 6.69 -10.58
N ALA B 55 -9.16 7.05 -9.46
CA ALA B 55 -10.52 6.67 -9.13
C ALA B 55 -11.55 7.31 -10.08
N LEU B 56 -11.41 8.62 -10.29
CA LEU B 56 -12.28 9.34 -11.23
C LEU B 56 -12.21 8.80 -12.66
N GLU B 57 -11.01 8.57 -13.18
CA GLU B 57 -10.82 8.05 -14.52
C GLU B 57 -11.45 6.65 -14.62
N THR B 58 -11.27 5.85 -13.58
CA THR B 58 -11.85 4.50 -13.55
C THR B 58 -13.38 4.58 -13.67
N LEU B 59 -13.99 5.44 -12.85
CA LEU B 59 -15.43 5.61 -12.85
C LEU B 59 -15.97 6.16 -14.19
N GLN B 60 -15.25 7.11 -14.76
CA GLN B 60 -15.65 7.66 -16.08
C GLN B 60 -15.59 6.60 -17.19
N LYS B 61 -14.56 5.76 -17.18
CA LYS B 61 -14.44 4.67 -18.16
C LYS B 61 -15.55 3.68 -17.98
N THR B 62 -15.96 3.45 -16.73
CA THR B 62 -17.10 2.58 -16.46
C THR B 62 -18.41 3.09 -17.05
N VAL B 63 -18.71 4.36 -16.76
CA VAL B 63 -19.93 4.99 -17.26
C VAL B 63 -19.96 5.05 -18.78
N GLU B 64 -18.81 5.29 -19.38
CA GLU B 64 -18.72 5.30 -20.82
C GLU B 64 -18.83 3.95 -21.51
N ASN B 65 -18.44 2.87 -20.87
CA ASN B 65 -18.32 1.58 -21.56
C ASN B 65 -19.39 0.52 -21.19
N PHE B 66 -20.19 0.79 -20.17
CA PHE B 66 -21.22 -0.13 -19.69
C PHE B 66 -22.60 0.55 -19.68
N GLU B 67 -23.64 -0.27 -19.85
CA GLU B 67 -25.00 0.22 -19.98
C GLU B 67 -25.71 0.32 -18.64
N LYS B 68 -25.40 -0.61 -17.74
CA LYS B 68 -26.13 -0.72 -16.46
C LYS B 68 -25.20 -0.83 -15.24
N PRO B 69 -24.33 0.15 -15.07
CA PRO B 69 -23.48 0.10 -13.89
C PRO B 69 -24.23 0.39 -12.58
N ALA B 70 -23.75 -0.27 -11.51
CA ALA B 70 -24.35 -0.13 -10.17
C ALA B 70 -23.33 -0.23 -9.08
N PHE B 71 -23.65 0.41 -7.95
CA PHE B 71 -22.80 0.43 -6.76
C PHE B 71 -23.59 0.03 -5.52
N PRO B 72 -23.37 -1.20 -5.05
CA PRO B 72 -23.84 -1.64 -3.73
C PRO B 72 -23.09 -0.92 -2.59
N CYS B 73 -23.83 -0.13 -1.82
CA CYS B 73 -23.28 0.84 -0.92
C CYS B 73 -23.73 0.52 0.52
N ALA B 74 -22.77 0.36 1.43
CA ALA B 74 -23.05 0.05 2.83
C ALA B 74 -22.75 1.25 3.75
N LEU B 75 -22.35 2.35 3.14
CA LEU B 75 -22.15 3.63 3.83
C LEU B 75 -20.94 3.66 4.79
N ILE B 76 -20.02 2.70 4.62
CA ILE B 76 -18.73 2.79 5.31
C ILE B 76 -17.85 3.81 4.59
N ALA B 77 -16.67 4.07 5.12
CA ALA B 77 -15.88 5.24 4.73
C ALA B 77 -15.50 5.30 3.26
N GLY B 78 -15.00 4.20 2.74
CA GLY B 78 -14.68 4.13 1.28
C GLY B 78 -15.93 4.23 0.42
N ASP B 79 -17.06 3.74 0.95
CA ASP B 79 -18.31 3.80 0.20
C ASP B 79 -18.79 5.24 0.07
N VAL B 80 -18.62 6.02 1.12
CA VAL B 80 -18.95 7.44 1.14
C VAL B 80 -18.02 8.20 0.13
N VAL B 81 -16.74 7.82 0.09
CA VAL B 81 -15.81 8.39 -0.90
C VAL B 81 -16.37 8.12 -2.32
N ILE B 82 -16.75 6.89 -2.57
CA ILE B 82 -17.20 6.53 -3.91
C ILE B 82 -18.46 7.30 -4.27
N LEU B 83 -19.37 7.48 -3.32
CA LEU B 83 -20.53 8.33 -3.60
C LEU B 83 -20.16 9.77 -4.03
N ASP B 84 -19.21 10.36 -3.34
CA ASP B 84 -18.75 11.68 -3.71
C ASP B 84 -18.12 11.70 -5.11
N LEU B 85 -17.33 10.69 -5.45
CA LEU B 85 -16.66 10.64 -6.74
C LEU B 85 -17.67 10.47 -7.88
N LEU B 86 -18.68 9.61 -7.66
CA LEU B 86 -19.79 9.50 -8.63
C LEU B 86 -20.51 10.82 -8.81
N HIS B 87 -20.73 11.55 -7.71
CA HIS B 87 -21.32 12.88 -7.80
C HIS B 87 -20.50 13.83 -8.67
N ARG B 88 -19.20 13.83 -8.43
CA ARG B 88 -18.28 14.71 -9.17
C ARG B 88 -18.24 14.44 -10.69
N ILE B 89 -18.45 13.21 -11.13
CA ILE B 89 -18.52 12.92 -12.57
C ILE B 89 -19.93 12.96 -13.16
N GLY B 90 -20.89 13.43 -12.36
CA GLY B 90 -22.24 13.64 -12.84
C GLY B 90 -23.03 12.34 -12.99
N ALA B 91 -22.65 11.29 -12.24
CA ALA B 91 -23.27 9.98 -12.44
C ALA B 91 -24.70 9.89 -11.93
N PHE B 92 -25.14 10.86 -11.13
CA PHE B 92 -26.48 10.86 -10.55
C PHE B 92 -27.44 11.76 -11.34
N SER B 93 -26.92 12.86 -11.92
CA SER B 93 -27.66 13.77 -12.83
C SER B 93 -28.18 13.01 -14.02
N ASP B 94 -27.33 12.20 -14.64
CA ASP B 94 -27.73 11.44 -15.81
C ASP B 94 -28.50 10.16 -15.41
N ASN B 95 -28.56 9.89 -14.12
CA ASN B 95 -29.02 8.59 -13.65
C ASN B 95 -28.19 7.42 -14.20
N LYS B 96 -26.92 7.70 -14.46
CA LYS B 96 -26.03 6.75 -15.11
C LYS B 96 -25.70 5.56 -14.23
N VAL B 97 -25.63 5.77 -12.92
CA VAL B 97 -25.24 4.68 -12.02
C VAL B 97 -26.29 4.50 -10.95
N LYS B 98 -26.72 3.27 -10.72
CA LYS B 98 -27.69 2.99 -9.68
C LYS B 98 -27.00 2.63 -8.38
N ILE B 99 -27.54 3.10 -7.26
CA ILE B 99 -27.06 2.71 -5.94
C ILE B 99 -27.95 1.59 -5.39
N ILE B 100 -27.31 0.51 -5.00
CA ILE B 100 -27.97 -0.65 -4.39
C ILE B 100 -27.72 -0.59 -2.88
N PHE B 101 -28.78 -0.81 -2.10
CA PHE B 101 -28.67 -0.82 -0.63
C PHE B 101 -29.34 -2.08 -0.15
N ILE B 102 -28.57 -2.93 0.55
CA ILE B 102 -29.07 -4.16 1.10
C ILE B 102 -29.49 -3.92 2.56
N ASP B 103 -30.81 -3.92 2.80
CA ASP B 103 -31.36 -3.78 4.14
C ASP B 103 -31.53 -5.18 4.73
N THR B 104 -30.65 -5.53 5.64
CA THR B 104 -30.61 -6.83 6.30
C THR B 104 -31.67 -6.89 7.40
N PHE B 105 -32.30 -5.77 7.71
CA PHE B 105 -33.18 -5.60 8.83
C PHE B 105 -32.47 -5.64 10.18
N HIS B 106 -31.13 -5.67 10.19
CA HIS B 106 -30.34 -5.72 11.44
C HIS B 106 -29.27 -4.64 11.45
N LEU B 107 -29.45 -3.61 10.65
CA LEU B 107 -28.52 -2.50 10.57
C LEU B 107 -28.78 -1.52 11.70
N PHE B 108 -27.80 -0.69 12.01
CA PHE B 108 -27.99 0.38 12.99
C PHE B 108 -29.02 1.38 12.51
N PRO B 109 -29.83 1.91 13.44
CA PRO B 109 -30.70 3.05 13.14
C PRO B 109 -29.99 4.20 12.46
N GLU B 110 -28.77 4.49 12.92
CA GLU B 110 -27.93 5.53 12.34
C GLU B 110 -27.71 5.31 10.87
N THR B 111 -27.69 4.04 10.44
CA THR B 111 -27.36 3.74 9.05
C THR B 111 -28.49 4.17 8.13
N TYR B 112 -29.75 3.88 8.53
CA TYR B 112 -30.93 4.35 7.77
C TYR B 112 -31.01 5.87 7.70
N LYS B 113 -30.73 6.56 8.80
CA LYS B 113 -30.70 8.00 8.81
C LYS B 113 -29.65 8.52 7.85
N PHE B 114 -28.44 7.96 7.86
CA PHE B 114 -27.36 8.42 7.03
C PHE B 114 -27.66 8.16 5.56
N LEU B 115 -28.29 7.04 5.25
CA LEU B 115 -28.70 6.81 3.88
C LEU B 115 -29.61 7.93 3.36
N SER B 116 -30.63 8.30 4.15
CA SER B 116 -31.53 9.37 3.75
CA SER B 116 -31.53 9.37 3.75
C SER B 116 -30.76 10.69 3.53
N GLU B 117 -29.76 10.96 4.37
CA GLU B 117 -28.96 12.18 4.20
C GLU B 117 -28.11 12.21 2.92
N VAL B 118 -27.47 11.11 2.57
CA VAL B 118 -26.67 11.09 1.33
C VAL B 118 -27.55 11.09 0.09
N GLU B 119 -28.70 10.42 0.14
CA GLU B 119 -29.68 10.47 -0.94
C GLU B 119 -30.08 11.90 -1.29
N GLU B 120 -30.39 12.67 -0.24
CA GLU B 120 -30.74 14.04 -0.39
C GLU B 120 -29.56 14.89 -0.85
N ARG B 121 -28.39 14.71 -0.25
CA ARG B 121 -27.16 15.47 -0.59
CA ARG B 121 -27.27 15.58 -0.64
C ARG B 121 -26.78 15.31 -2.09
N TYR B 122 -26.84 14.08 -2.58
CA TYR B 122 -26.32 13.81 -3.91
C TYR B 122 -27.41 13.63 -4.96
N GLY B 123 -28.68 13.59 -4.56
CA GLY B 123 -29.78 13.51 -5.50
C GLY B 123 -30.02 12.15 -6.15
N PHE B 124 -30.08 11.11 -5.36
CA PHE B 124 -30.45 9.78 -5.86
C PHE B 124 -31.32 9.11 -4.82
N LYS B 125 -32.05 8.09 -5.24
CA LYS B 125 -32.75 7.20 -4.35
C LYS B 125 -32.14 5.81 -4.57
N ALA B 126 -31.70 5.21 -3.48
CA ALA B 126 -31.18 3.85 -3.51
C ALA B 126 -32.23 2.82 -3.86
N HIS B 127 -31.85 1.81 -4.62
CA HIS B 127 -32.65 0.65 -4.87
C HIS B 127 -32.42 -0.35 -3.71
N VAL B 128 -33.44 -0.54 -2.88
CA VAL B 128 -33.35 -1.30 -1.64
C VAL B 128 -33.83 -2.71 -1.89
N PHE B 129 -33.01 -3.69 -1.48
CA PHE B 129 -33.38 -5.11 -1.51
C PHE B 129 -33.20 -5.65 -0.10
N HIS B 130 -34.09 -6.59 0.24
CA HIS B 130 -34.11 -7.20 1.57
C HIS B 130 -34.58 -8.64 1.43
N ALA B 131 -34.64 -9.35 2.56
CA ALA B 131 -35.09 -10.71 2.60
C ALA B 131 -36.36 -10.90 1.76
N ALA B 132 -36.39 -11.98 1.02
CA ALA B 132 -37.48 -12.25 0.09
C ALA B 132 -38.83 -12.36 0.82
N ASP B 133 -39.85 -11.68 0.27
CA ASP B 133 -41.26 -11.90 0.68
C ASP B 133 -41.64 -11.38 2.06
N VAL B 134 -40.78 -10.58 2.69
CA VAL B 134 -41.06 -10.05 4.01
C VAL B 134 -40.77 -8.57 3.93
N ASN B 135 -41.77 -7.76 4.26
CA ASN B 135 -41.67 -6.32 4.03
CA ASN B 135 -41.75 -6.30 4.05
C ASN B 135 -40.82 -5.57 5.00
N ASN B 136 -40.62 -6.13 6.20
CA ASN B 136 -39.92 -5.41 7.27
C ASN B 136 -39.48 -6.36 8.35
N LYS B 137 -38.83 -5.84 9.38
CA LYS B 137 -38.25 -6.67 10.42
C LYS B 137 -39.33 -7.48 11.17
N GLU B 138 -40.51 -6.89 11.41
CA GLU B 138 -41.57 -7.59 12.15
C GLU B 138 -42.07 -8.78 11.28
N ALA B 139 -42.25 -8.53 10.00
CA ALA B 139 -42.65 -9.61 9.10
C ALA B 139 -41.54 -10.70 9.00
N TYR B 140 -40.28 -10.29 9.02
CA TYR B 140 -39.12 -11.20 9.05
C TYR B 140 -39.11 -12.07 10.28
N ASP B 141 -39.35 -11.43 11.43
CA ASP B 141 -39.44 -12.13 12.70
C ASP B 141 -40.57 -13.16 12.65
N ALA B 142 -41.68 -12.82 12.03
CA ALA B 142 -42.83 -13.72 12.02
C ALA B 142 -42.47 -14.93 11.15
N LYS B 143 -41.91 -14.71 9.98
CA LYS B 143 -41.59 -15.79 9.09
C LYS B 143 -40.41 -16.65 9.57
N PHE B 144 -39.33 -16.02 10.04
CA PHE B 144 -38.06 -16.72 10.29
C PHE B 144 -37.62 -16.82 11.76
N GLY B 145 -38.26 -16.07 12.67
CA GLY B 145 -37.82 -15.98 14.06
C GLY B 145 -36.78 -14.89 14.26
N SER B 146 -36.96 -14.08 15.31
CA SER B 146 -36.07 -12.95 15.57
C SER B 146 -34.63 -13.38 15.90
N ASP B 147 -34.48 -14.57 16.46
CA ASP B 147 -33.17 -15.06 16.84
C ASP B 147 -32.47 -15.97 15.83
N LEU B 148 -32.88 -15.93 14.55
CA LEU B 148 -32.19 -16.74 13.52
C LEU B 148 -30.69 -16.49 13.41
N PHE B 149 -30.27 -15.23 13.56
CA PHE B 149 -28.82 -14.90 13.50
C PHE B 149 -27.97 -15.64 14.55
N ILE B 150 -28.55 -15.96 15.71
CA ILE B 150 -27.92 -16.79 16.73
C ILE B 150 -28.01 -18.28 16.43
N THR B 151 -29.22 -18.77 16.16
CA THR B 151 -29.44 -20.21 16.03
C THR B 151 -28.88 -20.81 14.73
N ASP B 152 -28.98 -20.09 13.61
CA ASP B 152 -28.34 -20.55 12.34
C ASP B 152 -27.86 -19.38 11.51
N ILE B 153 -26.62 -18.98 11.79
CA ILE B 153 -26.00 -17.89 11.13
C ILE B 153 -25.90 -18.10 9.60
N GLU B 154 -25.72 -19.32 9.14
CA GLU B 154 -25.60 -19.55 7.67
C GLU B 154 -26.92 -19.28 6.98
N GLU B 155 -28.02 -19.74 7.56
CA GLU B 155 -29.33 -19.42 7.04
C GLU B 155 -29.60 -17.91 7.08
N TYR B 156 -29.30 -17.27 8.21
CA TYR B 156 -29.45 -15.83 8.33
C TYR B 156 -28.69 -15.11 7.22
N ASP B 157 -27.41 -15.44 7.01
CA ASP B 157 -26.60 -14.77 5.97
C ASP B 157 -27.26 -14.94 4.61
N ARG B 158 -27.65 -16.20 4.28
CA ARG B 158 -28.31 -16.49 3.01
CA ARG B 158 -28.30 -16.50 3.01
C ARG B 158 -29.55 -15.63 2.82
N ILE B 159 -30.43 -15.64 3.80
CA ILE B 159 -31.71 -14.92 3.71
C ILE B 159 -31.61 -13.39 3.71
N CYS B 160 -30.78 -12.82 4.57
CA CYS B 160 -30.79 -11.37 4.78
C CYS B 160 -29.71 -10.64 3.98
N LYS B 161 -28.68 -11.37 3.52
CA LYS B 161 -27.53 -10.75 2.87
C LYS B 161 -27.21 -11.28 1.49
N VAL B 162 -27.02 -12.58 1.38
CA VAL B 162 -26.51 -13.14 0.13
C VAL B 162 -27.61 -13.18 -0.96
N GLU B 163 -28.82 -13.66 -0.64
CA GLU B 163 -29.85 -13.80 -1.65
C GLU B 163 -30.36 -12.39 -2.14
N PRO B 164 -30.57 -11.43 -1.24
CA PRO B 164 -30.98 -10.09 -1.70
C PRO B 164 -29.97 -9.36 -2.59
N PHE B 165 -28.69 -9.50 -2.27
CA PHE B 165 -27.64 -8.97 -3.11
C PHE B 165 -27.64 -9.61 -4.49
N SER B 166 -27.71 -10.94 -4.52
CA SER B 166 -27.73 -11.65 -5.79
C SER B 166 -28.94 -11.23 -6.61
N ARG B 167 -30.09 -11.08 -5.96
CA ARG B 167 -31.34 -10.69 -6.61
C ARG B 167 -31.28 -9.24 -7.10
N ALA B 168 -30.61 -8.35 -6.36
CA ALA B 168 -30.41 -6.97 -6.78
C ALA B 168 -29.65 -6.93 -8.11
N LEU B 169 -28.56 -7.67 -8.20
CA LEU B 169 -27.75 -7.65 -9.40
C LEU B 169 -28.52 -8.18 -10.60
N LYS B 170 -29.27 -9.25 -10.41
CA LYS B 170 -30.05 -9.87 -11.49
C LYS B 170 -31.21 -8.94 -11.91
N THR B 171 -31.95 -8.42 -10.94
CA THR B 171 -33.12 -7.55 -11.20
C THR B 171 -32.72 -6.31 -11.98
N LEU B 172 -31.61 -5.69 -11.61
CA LEU B 172 -31.15 -4.48 -12.26
C LEU B 172 -30.24 -4.77 -13.46
N GLU B 173 -30.03 -6.04 -13.80
CA GLU B 173 -29.21 -6.44 -14.96
C GLU B 173 -27.85 -5.75 -14.99
N VAL B 174 -27.14 -5.80 -13.87
CA VAL B 174 -25.95 -5.04 -13.70
C VAL B 174 -24.84 -5.66 -14.55
N ASP B 175 -24.19 -4.84 -15.37
CA ASP B 175 -23.09 -5.32 -16.22
C ASP B 175 -21.71 -4.88 -15.72
N ALA B 176 -21.68 -3.92 -14.80
CA ALA B 176 -20.49 -3.49 -14.11
C ALA B 176 -20.81 -3.11 -12.67
N MET B 177 -20.24 -3.85 -11.73
CA MET B 177 -20.50 -3.65 -10.32
C MET B 177 -19.37 -2.86 -9.72
N ILE B 178 -19.61 -1.57 -9.49
CA ILE B 178 -18.67 -0.73 -8.77
C ILE B 178 -18.67 -1.16 -7.31
N ASN B 179 -17.49 -1.22 -6.66
CA ASN B 179 -17.46 -1.64 -5.27
C ASN B 179 -16.27 -1.01 -4.55
N GLY B 180 -16.30 -1.08 -3.23
CA GLY B 180 -15.25 -0.55 -2.40
C GLY B 180 -14.13 -1.48 -1.96
N ARG B 181 -14.02 -2.65 -2.58
CA ARG B 181 -12.90 -3.54 -2.22
C ARG B 181 -11.57 -2.78 -2.51
N ARG B 182 -10.59 -2.95 -1.62
CA ARG B 182 -9.30 -2.35 -1.79
C ARG B 182 -8.22 -3.40 -1.55
N ARG B 183 -7.06 -3.14 -2.15
CA ARG B 183 -5.90 -4.04 -1.91
C ARG B 183 -5.49 -4.11 -0.46
N ASP B 184 -5.57 -2.99 0.25
CA ASP B 184 -5.18 -2.98 1.65
C ASP B 184 -6.17 -3.71 2.58
N HIS B 185 -7.22 -4.27 2.01
CA HIS B 185 -8.01 -5.31 2.72
C HIS B 185 -7.29 -6.62 2.87
N GLY B 186 -6.24 -6.83 2.07
CA GLY B 186 -5.44 -8.00 2.25
C GLY B 186 -6.16 -9.28 1.79
N ALA B 187 -5.49 -10.38 2.07
CA ALA B 187 -5.86 -11.79 1.75
C ALA B 187 -6.28 -11.89 0.28
N GLU B 188 -7.53 -12.32 0.00
CA GLU B 188 -7.95 -12.55 -1.38
C GLU B 188 -8.15 -11.26 -2.16
N ARG B 189 -8.16 -10.08 -1.48
CA ARG B 189 -8.26 -8.81 -2.15
C ARG B 189 -6.87 -8.14 -2.47
N ALA B 190 -5.79 -8.72 -1.98
CA ALA B 190 -4.46 -8.06 -1.96
C ALA B 190 -3.99 -7.66 -3.34
N HIS B 191 -4.44 -8.40 -4.37
CA HIS B 191 -3.88 -8.17 -5.74
C HIS B 191 -4.95 -7.68 -6.69
N LEU B 192 -6.03 -7.14 -6.15
CA LEU B 192 -7.04 -6.54 -7.01
C LEU B 192 -6.46 -5.35 -7.82
N GLU B 193 -7.03 -5.15 -9.00
CA GLU B 193 -6.68 -3.99 -9.82
C GLU B 193 -7.96 -3.12 -9.95
N VAL B 194 -7.90 -2.05 -10.73
CA VAL B 194 -9.05 -1.14 -10.83
C VAL B 194 -10.24 -1.82 -11.57
N PHE B 195 -9.94 -2.78 -12.42
CA PHE B 195 -11.01 -3.62 -13.05
C PHE B 195 -10.75 -5.08 -12.77
N GLU B 196 -11.83 -5.85 -12.67
CA GLU B 196 -11.71 -7.32 -12.59
C GLU B 196 -12.64 -7.94 -13.62
N GLU B 197 -12.07 -8.86 -14.41
CA GLU B 197 -12.76 -9.58 -15.47
C GLU B 197 -13.86 -10.48 -14.94
N GLY B 198 -14.92 -10.63 -15.73
CA GLY B 198 -15.97 -11.63 -15.48
C GLY B 198 -17.18 -11.35 -16.38
N LYS B 199 -18.16 -12.25 -16.40
CA LYS B 199 -19.37 -12.00 -17.18
C LYS B 199 -19.98 -10.65 -16.77
N MET B 200 -20.01 -10.43 -15.45
CA MET B 200 -20.24 -9.12 -14.91
C MET B 200 -18.85 -8.58 -14.44
N VAL B 201 -18.44 -7.48 -15.05
CA VAL B 201 -17.20 -6.77 -14.66
C VAL B 201 -17.36 -6.19 -13.26
N LYS B 202 -16.28 -6.23 -12.48
CA LYS B 202 -16.25 -5.56 -11.16
C LYS B 202 -15.22 -4.45 -11.19
N VAL B 203 -15.58 -3.30 -10.64
CA VAL B 203 -14.81 -2.11 -10.76
C VAL B 203 -14.44 -1.67 -9.35
N GLN B 204 -13.12 -1.52 -9.11
CA GLN B 204 -12.58 -1.09 -7.81
C GLN B 204 -11.87 0.26 -7.95
N PRO B 205 -12.65 1.37 -7.98
CA PRO B 205 -11.98 2.72 -8.11
C PRO B 205 -10.93 3.00 -7.02
N LEU B 206 -11.14 2.43 -5.85
CA LEU B 206 -10.26 2.67 -4.71
C LEU B 206 -9.27 1.53 -4.47
N ALA B 207 -9.03 0.70 -5.50
CA ALA B 207 -8.10 -0.43 -5.34
C ALA B 207 -6.77 -0.11 -4.64
N TYR B 208 -6.15 1.01 -5.06
CA TYR B 208 -4.85 1.43 -4.52
C TYR B 208 -4.94 2.47 -3.38
N TRP B 209 -6.12 2.77 -2.91
CA TRP B 209 -6.27 3.69 -1.76
C TRP B 209 -6.11 2.89 -0.46
N GLU B 210 -5.30 3.41 0.47
CA GLU B 210 -5.31 2.87 1.80
C GLU B 210 -6.48 3.42 2.54
N PHE B 211 -6.88 2.75 3.61
CA PHE B 211 -7.93 3.31 4.50
C PHE B 211 -7.62 4.75 4.86
N ARG B 212 -6.35 5.01 5.16
CA ARG B 212 -5.93 6.35 5.56
C ARG B 212 -6.21 7.38 4.46
N ASP B 213 -5.98 6.97 3.21
CA ASP B 213 -6.23 7.84 2.07
C ASP B 213 -7.76 8.14 1.98
N CYS B 214 -8.60 7.15 2.25
CA CYS B 214 -10.09 7.40 2.26
C CYS B 214 -10.45 8.45 3.30
N TRP B 215 -9.91 8.31 4.50
CA TRP B 215 -10.16 9.32 5.54
C TRP B 215 -9.63 10.71 5.18
N ASP B 216 -8.43 10.77 4.62
CA ASP B 216 -7.91 12.07 4.18
C ASP B 216 -8.81 12.75 3.16
N TYR B 217 -9.41 11.96 2.27
CA TYR B 217 -10.36 12.47 1.30
C TYR B 217 -11.59 13.08 2.01
N LEU B 218 -12.18 12.31 2.93
CA LEU B 218 -13.36 12.79 3.67
C LEU B 218 -13.03 14.09 4.41
N THR B 219 -11.83 14.17 4.97
CA THR B 219 -11.41 15.40 5.67
C THR B 219 -11.17 16.56 4.73
N LYS B 220 -10.47 16.29 3.64
CA LYS B 220 -10.17 17.33 2.64
C LYS B 220 -11.42 18.02 2.13
N TYR B 221 -12.49 17.26 1.88
CA TYR B 221 -13.71 17.79 1.29
C TYR B 221 -14.80 18.02 2.34
N SER B 222 -14.45 17.94 3.63
CA SER B 222 -15.41 18.09 4.72
C SER B 222 -16.71 17.29 4.51
N LEU B 223 -16.59 16.02 4.17
CA LEU B 223 -17.73 15.19 3.88
C LEU B 223 -18.24 14.50 5.16
N PRO B 224 -19.56 14.54 5.39
CA PRO B 224 -20.11 13.74 6.49
C PRO B 224 -19.86 12.25 6.28
N TYR B 225 -19.66 11.52 7.38
CA TYR B 225 -19.40 10.07 7.36
C TYR B 225 -20.31 9.40 8.39
N HIS B 226 -20.31 8.07 8.44
CA HIS B 226 -21.25 7.35 9.30
C HIS B 226 -20.88 7.68 10.80
N PRO B 227 -21.84 8.20 11.58
CA PRO B 227 -21.55 8.63 12.98
C PRO B 227 -20.93 7.56 13.85
N LEU B 228 -21.21 6.30 13.57
CA LEU B 228 -20.63 5.24 14.36
C LEU B 228 -19.13 5.09 14.25
N HIS B 229 -18.51 5.64 13.21
CA HIS B 229 -17.03 5.70 13.17
C HIS B 229 -16.51 6.46 14.41
N ASP B 230 -17.26 7.43 14.93
CA ASP B 230 -16.85 8.17 16.11
C ASP B 230 -16.96 7.39 17.39
N GLN B 231 -17.62 6.24 17.38
CA GLN B 231 -17.68 5.36 18.55
C GLN B 231 -16.61 4.25 18.56
N GLY B 232 -15.72 4.27 17.58
CA GLY B 232 -14.65 3.31 17.50
C GLY B 232 -14.82 2.17 16.52
N PHE B 233 -15.79 2.26 15.60
CA PHE B 233 -15.99 1.21 14.62
C PHE B 233 -15.37 1.61 13.28
N PRO B 234 -14.31 0.90 12.84
CA PRO B 234 -13.76 1.25 11.55
C PRO B 234 -14.68 0.77 10.44
N SER B 235 -15.35 -0.38 10.68
CA SER B 235 -16.27 -0.90 9.73
C SER B 235 -17.63 -1.13 10.43
N ILE B 236 -18.70 -0.98 9.67
CA ILE B 236 -20.06 -0.90 10.21
C ILE B 236 -20.98 -1.76 9.36
N GLY B 237 -21.63 -2.69 9.99
CA GLY B 237 -22.58 -3.61 9.34
C GLY B 237 -23.80 -3.86 10.19
N ASP B 238 -24.07 -5.11 10.52
CA ASP B 238 -25.21 -5.45 11.33
C ASP B 238 -24.85 -5.23 12.83
N VAL B 239 -25.81 -4.81 13.62
CA VAL B 239 -25.57 -4.54 15.05
C VAL B 239 -24.87 -5.76 15.71
N GLN B 240 -25.38 -6.97 15.49
CA GLN B 240 -24.85 -8.15 16.19
C GLN B 240 -23.47 -8.54 15.76
N SER B 241 -22.95 -8.01 14.67
CA SER B 241 -21.69 -8.47 14.16
C SER B 241 -20.66 -7.34 13.93
N THR B 242 -20.93 -6.16 14.49
CA THR B 242 -20.03 -4.99 14.26
C THR B 242 -19.21 -4.82 15.55
N ILE B 243 -17.91 -4.85 15.45
CA ILE B 243 -17.03 -4.90 16.60
C ILE B 243 -16.10 -3.70 16.59
N PRO B 244 -15.91 -3.00 17.75
CA PRO B 244 -15.02 -1.84 17.70
C PRO B 244 -13.55 -2.29 17.66
N VAL B 245 -12.68 -1.43 17.18
CA VAL B 245 -11.26 -1.74 17.03
C VAL B 245 -10.45 -0.50 17.53
N PRO B 246 -9.37 -0.69 18.30
CA PRO B 246 -8.64 0.50 18.76
C PRO B 246 -8.21 1.36 17.58
N ARG B 247 -8.33 2.69 17.71
CA ARG B 247 -8.02 3.60 16.62
CA ARG B 247 -8.01 3.62 16.61
C ARG B 247 -6.61 3.46 16.06
N GLU B 248 -5.65 3.19 16.93
CA GLU B 248 -4.27 3.03 16.54
C GLU B 248 -4.03 1.81 15.65
N LYS B 249 -5.03 0.93 15.51
CA LYS B 249 -4.89 -0.24 14.63
C LYS B 249 -5.56 -0.05 13.28
N TRP B 250 -6.27 1.06 13.10
CA TRP B 250 -7.11 1.19 11.87
C TRP B 250 -6.32 1.28 10.60
N PHE B 251 -5.16 1.94 10.66
CA PHE B 251 -4.35 2.21 9.50
C PHE B 251 -3.20 1.21 9.26
N GLU B 252 -3.24 0.04 9.93
CA GLU B 252 -2.33 -1.03 9.59
C GLU B 252 -2.91 -1.74 8.37
N TYR B 253 -2.05 -2.40 7.59
CA TYR B 253 -2.54 -3.20 6.49
C TYR B 253 -3.60 -4.19 7.03
N ALA B 254 -4.74 -4.22 6.36
CA ALA B 254 -5.88 -5.15 6.68
C ALA B 254 -6.57 -4.71 7.99
N GLY B 255 -6.39 -3.46 8.42
CA GLY B 255 -6.93 -2.98 9.71
C GLY B 255 -8.43 -2.70 9.73
N GLU B 256 -8.97 -2.18 8.62
CA GLU B 256 -10.37 -1.72 8.52
C GLU B 256 -11.34 -2.82 8.94
N ARG B 257 -11.13 -4.02 8.44
CA ARG B 257 -12.09 -5.11 8.65
C ARG B 257 -11.63 -6.11 9.73
N SER B 258 -10.63 -5.71 10.53
CA SER B 258 -10.05 -6.61 11.51
C SER B 258 -10.95 -6.89 12.70
N GLY B 259 -12.03 -6.15 12.87
CA GLY B 259 -12.96 -6.46 13.96
C GLY B 259 -13.48 -7.89 13.95
N ARG B 260 -13.79 -8.40 12.74
CA ARG B 260 -14.37 -9.76 12.54
C ARG B 260 -13.93 -10.89 13.52
C1 PEG C . 8.28 -11.87 -8.58
O1 PEG C . 7.02 -12.52 -8.93
C2 PEG C . 8.85 -11.01 -9.72
O2 PEG C . 10.29 -10.89 -9.76
C3 PEG C . 10.83 -10.42 -11.03
C4 PEG C . 11.90 -11.31 -11.70
O4 PEG C . 12.98 -11.75 -10.84
C1 PEG D . -12.45 10.05 12.48
O1 PEG D . -13.42 9.41 13.31
C2 PEG D . -11.60 8.96 11.82
O2 PEG D . -10.20 9.17 11.94
C3 PEG D . -9.41 7.96 11.92
C4 PEG D . -7.97 8.26 12.36
O4 PEG D . -7.47 7.26 13.26
#